data_8S4X
#
_entry.id   8S4X
#
_cell.length_a   93.418
_cell.length_b   95.504
_cell.length_c   119.441
_cell.angle_alpha   90.000
_cell.angle_beta   90.000
_cell.angle_gamma   90.000
#
_symmetry.space_group_name_H-M   'C 2 2 21'
#
loop_
_entity.id
_entity.type
_entity.pdbx_description
1 polymer 'Poly [ADP-ribose] polymerase tankyrase-2'
2 polymer 'Poly [ADP-ribose] polymerase tankyrase-2'
3 non-polymer 8-[bis(oxidanyl)amino]-2-(4-~{tert}-butylphenyl)-3~{H}-quinazolin-4-one
4 non-polymer 'SULFATE ION'
5 non-polymer 'ZINC ION'
6 water water
#
loop_
_entity_poly.entity_id
_entity_poly.type
_entity_poly.pdbx_seq_one_letter_code
_entity_poly.pdbx_strand_id
1 'polypeptide(L)'
;SMLNTSGSGTILIDLSPDDKEFQSVEEEMQSTVREHRDGGHAGGIFNRYNILKIQKVCNKKLWERYTHRRKEVSEENHNH
ANERMLFHGSPFVNAIIHKGFDERHAYIGGMFGAGIYFAENSSKSNQYVYGIGGGTGCPVHKDRSCYICHRQLLFCRVTL
GKSFLQFSAMK
;
A,C
2 'polypeptide(L)' MAHSPPGHHSVTGRPSVNGLALAEYVIYRGEQAYPEYLITYQIMRPEG B,D
#
loop_
_chem_comp.id
_chem_comp.type
_chem_comp.name
_chem_comp.formula
A1H42 non-polymer 8-[bis(oxidanyl)amino]-2-(4-~{tert}-butylphenyl)-3~{H}-quinazolin-4-one 'C18 H19 N3 O3'
SO4 non-polymer 'SULFATE ION' 'O4 S -2'
ZN non-polymer 'ZINC ION' 'Zn 2'
#
# COMPACT_ATOMS: atom_id res chain seq x y z
N SER A 8 15.62 -3.41 -34.23
CA SER A 8 14.61 -2.53 -33.67
C SER A 8 15.01 -1.06 -33.82
N GLY A 9 16.30 -0.82 -34.04
CA GLY A 9 16.85 0.51 -34.13
C GLY A 9 17.51 1.01 -32.86
N THR A 10 17.56 0.18 -31.82
CA THR A 10 18.13 0.59 -30.54
C THR A 10 19.62 0.24 -30.51
N ILE A 11 20.43 1.19 -30.07
CA ILE A 11 21.85 0.97 -29.81
C ILE A 11 22.15 1.46 -28.39
N LEU A 12 22.96 0.70 -27.68
CA LEU A 12 23.36 1.04 -26.31
C LEU A 12 24.79 1.56 -26.34
N ILE A 13 24.97 2.81 -25.93
CA ILE A 13 26.29 3.45 -25.90
C ILE A 13 26.76 3.46 -24.45
N ASP A 14 27.88 2.79 -24.19
CA ASP A 14 28.45 2.80 -22.85
C ASP A 14 28.96 4.19 -22.50
N LEU A 15 28.84 4.54 -21.22
CA LEU A 15 29.36 5.78 -20.69
C LEU A 15 30.51 5.47 -19.73
N SER A 16 31.58 6.25 -19.83
CA SER A 16 32.71 6.04 -18.93
C SER A 16 32.41 6.68 -17.58
N PRO A 17 32.87 6.08 -16.48
CA PRO A 17 32.63 6.70 -15.16
C PRO A 17 33.25 8.08 -15.01
N ASP A 18 34.11 8.49 -15.93
CA ASP A 18 34.64 9.85 -15.95
C ASP A 18 33.73 10.82 -16.71
N ASP A 19 32.79 10.31 -17.49
CA ASP A 19 31.81 11.16 -18.15
C ASP A 19 30.91 11.83 -17.12
N LYS A 20 30.57 13.10 -17.36
CA LYS A 20 29.76 13.83 -16.40
C LYS A 20 28.32 13.33 -16.39
N GLU A 21 27.81 12.84 -17.52
CA GLU A 21 26.49 12.22 -17.53
C GLU A 21 26.47 11.01 -16.61
N PHE A 22 27.45 10.11 -16.77
CA PHE A 22 27.54 8.94 -15.91
C PHE A 22 27.46 9.33 -14.43
N GLN A 23 28.17 10.40 -14.05
CA GLN A 23 28.26 10.74 -12.64
C GLN A 23 26.96 11.35 -12.12
N SER A 24 26.32 12.21 -12.91
CA SER A 24 25.05 12.78 -12.47
C SER A 24 23.95 11.73 -12.37
N VAL A 25 24.00 10.70 -13.23
CA VAL A 25 23.01 9.64 -13.17
C VAL A 25 23.27 8.73 -11.98
N GLU A 26 24.53 8.35 -11.76
CA GLU A 26 24.86 7.52 -10.60
C GLU A 26 24.51 8.24 -9.31
N GLU A 27 24.71 9.55 -9.25
CA GLU A 27 24.36 10.31 -8.06
C GLU A 27 22.87 10.23 -7.78
N GLU A 28 22.05 10.47 -8.81
CA GLU A 28 20.61 10.36 -8.65
C GLU A 28 20.21 8.94 -8.25
N MET A 29 20.95 7.94 -8.72
CA MET A 29 20.65 6.56 -8.34
C MET A 29 20.98 6.32 -6.87
N GLN A 30 22.14 6.79 -6.42
CA GLN A 30 22.57 6.53 -5.04
C GLN A 30 21.82 7.41 -4.05
N SER A 31 21.63 8.69 -4.38
CA SER A 31 21.05 9.63 -3.42
C SER A 31 19.57 9.39 -3.17
N THR A 32 18.91 8.55 -3.98
CA THR A 32 17.47 8.30 -3.85
C THR A 32 17.18 6.94 -3.23
N VAL A 33 18.13 6.34 -2.54
CA VAL A 33 17.88 5.11 -1.81
C VAL A 33 17.19 5.44 -0.49
N ARG A 34 16.30 4.55 -0.05
CA ARG A 34 15.63 4.73 1.22
C ARG A 34 15.25 3.36 1.77
N GLU A 35 15.00 3.33 3.07
CA GLU A 35 14.48 2.13 3.71
C GLU A 35 13.00 1.99 3.38
N HIS A 36 12.56 0.75 3.18
CA HIS A 36 11.18 0.46 2.80
C HIS A 36 10.49 -0.31 3.92
N ARG A 37 9.17 -0.15 3.98
CA ARG A 37 8.38 -0.65 5.11
C ARG A 37 8.36 -2.17 5.20
N ASP A 38 8.76 -2.88 4.14
CA ASP A 38 8.82 -4.33 4.18
C ASP A 38 10.14 -4.84 4.75
N GLY A 39 11.03 -3.95 5.18
CA GLY A 39 12.31 -4.35 5.73
C GLY A 39 13.29 -4.94 4.73
N GLY A 40 12.96 -4.90 3.44
CA GLY A 40 13.81 -5.48 2.41
C GLY A 40 13.26 -6.75 1.79
N HIS A 41 12.03 -7.14 2.12
CA HIS A 41 11.48 -8.39 1.60
C HIS A 41 11.47 -8.42 0.09
N ALA A 42 11.12 -7.30 -0.55
CA ALA A 42 10.92 -7.29 -1.99
C ALA A 42 12.19 -6.95 -2.77
N GLY A 43 12.94 -5.95 -2.34
CA GLY A 43 14.09 -5.49 -3.08
C GLY A 43 15.43 -5.84 -2.47
N GLY A 44 15.43 -6.27 -1.22
CA GLY A 44 16.64 -6.63 -0.52
C GLY A 44 17.10 -5.54 0.44
N ILE A 45 18.10 -5.90 1.24
CA ILE A 45 18.63 -5.03 2.29
C ILE A 45 19.92 -4.40 1.78
N PHE A 46 19.94 -3.07 1.72
CA PHE A 46 21.08 -2.34 1.17
C PHE A 46 20.89 -0.86 1.44
N ASN A 47 22.01 -0.15 1.61
CA ASN A 47 22.01 1.30 1.72
C ASN A 47 22.54 1.99 0.47
N ARG A 48 23.25 1.28 -0.40
CA ARG A 48 23.84 1.87 -1.60
C ARG A 48 23.99 0.77 -2.64
N TYR A 49 24.29 1.19 -3.87
CA TYR A 49 24.50 0.28 -4.98
C TYR A 49 25.97 0.23 -5.36
N ASN A 50 26.31 -0.79 -6.14
CA ASN A 50 27.59 -0.87 -6.86
C ASN A 50 27.26 -0.76 -8.34
N ILE A 51 27.51 0.40 -8.93
CA ILE A 51 27.17 0.64 -10.33
C ILE A 51 28.21 -0.03 -11.20
N LEU A 52 27.77 -0.99 -12.03
CA LEU A 52 28.66 -1.72 -12.90
C LEU A 52 28.74 -1.12 -14.30
N LYS A 53 27.69 -0.45 -14.74
CA LYS A 53 27.67 0.12 -16.08
C LYS A 53 26.42 0.98 -16.25
N ILE A 54 26.56 2.07 -16.99
CA ILE A 54 25.45 2.93 -17.39
C ILE A 54 25.52 3.13 -18.89
N GLN A 55 24.40 2.89 -19.58
CA GLN A 55 24.35 2.96 -21.02
C GLN A 55 23.21 3.87 -21.45
N LYS A 56 23.47 4.69 -22.47
CA LYS A 56 22.43 5.50 -23.08
C LYS A 56 21.68 4.66 -24.12
N VAL A 57 20.38 4.87 -24.19
CA VAL A 57 19.51 4.19 -25.15
C VAL A 57 19.21 5.16 -26.28
N CYS A 58 19.43 4.72 -27.51
CA CYS A 58 19.26 5.56 -28.70
C CYS A 58 18.36 4.84 -29.69
N ASN A 59 17.23 5.45 -30.02
CA ASN A 59 16.28 4.87 -30.96
C ASN A 59 15.44 6.02 -31.51
N LYS A 60 15.63 6.34 -32.80
CA LYS A 60 14.96 7.50 -33.39
C LYS A 60 13.44 7.33 -33.36
N LYS A 61 12.96 6.17 -33.79
CA LYS A 61 11.51 5.96 -33.81
C LYS A 61 10.90 6.15 -32.43
N LEU A 62 11.55 5.61 -31.40
CA LEU A 62 10.99 5.71 -30.06
C LEU A 62 11.17 7.11 -29.47
N TRP A 63 12.20 7.84 -29.89
CA TRP A 63 12.35 9.21 -29.41
C TRP A 63 11.37 10.16 -30.08
N GLU A 64 11.25 10.08 -31.40
CA GLU A 64 10.26 10.90 -32.10
C GLU A 64 8.85 10.52 -31.68
N ARG A 65 8.65 9.29 -31.22
CA ARG A 65 7.37 8.89 -30.66
C ARG A 65 7.11 9.58 -29.34
N TYR A 66 8.17 9.82 -28.55
CA TYR A 66 8.02 10.48 -27.27
C TYR A 66 7.87 11.99 -27.43
N THR A 67 8.73 12.60 -28.24
CA THR A 67 8.68 14.05 -28.43
C THR A 67 7.36 14.49 -29.04
N HIS A 68 6.74 13.63 -29.86
CA HIS A 68 5.46 13.97 -30.46
C HIS A 68 4.37 14.05 -29.39
N ARG A 69 4.25 13.01 -28.57
CA ARG A 69 3.26 13.03 -27.49
C ARG A 69 3.56 14.17 -26.51
N ARG A 70 4.84 14.41 -26.23
CA ARG A 70 5.20 15.49 -25.32
C ARG A 70 4.65 16.83 -25.80
N LYS A 71 4.66 17.05 -27.12
CA LYS A 71 4.13 18.29 -27.67
C LYS A 71 2.61 18.37 -27.49
N GLU A 72 1.91 17.25 -27.71
CA GLU A 72 0.48 17.23 -27.48
C GLU A 72 0.15 17.56 -26.04
N VAL A 73 0.87 16.97 -25.09
CA VAL A 73 0.61 17.24 -23.68
C VAL A 73 0.95 18.69 -23.35
N SER A 74 2.06 19.19 -23.88
CA SER A 74 2.48 20.56 -23.59
C SER A 74 1.43 21.56 -24.05
N GLU A 75 0.89 21.36 -25.25
CA GLU A 75 -0.09 22.31 -25.78
C GLU A 75 -1.43 22.22 -25.07
N GLU A 76 -1.69 21.13 -24.35
CA GLU A 76 -2.89 21.00 -23.55
C GLU A 76 -2.70 21.46 -22.10
N ASN A 77 -1.53 22.03 -21.77
CA ASN A 77 -1.21 22.40 -20.40
C ASN A 77 -0.27 23.60 -20.44
N HIS A 78 -0.81 24.75 -20.86
CA HIS A 78 -0.09 26.01 -20.99
C HIS A 78 1.39 25.80 -21.32
N ASN A 79 1.66 25.08 -22.41
CA ASN A 79 3.02 24.87 -22.91
C ASN A 79 3.96 24.40 -21.79
N HIS A 80 3.48 23.41 -21.03
CA HIS A 80 4.26 22.84 -19.92
C HIS A 80 4.03 21.34 -19.92
N ALA A 81 5.02 20.59 -20.41
CA ALA A 81 4.92 19.13 -20.42
C ALA A 81 5.13 18.52 -19.05
N ASN A 82 5.71 19.27 -18.10
CA ASN A 82 5.97 18.77 -16.75
C ASN A 82 6.82 17.49 -16.82
N GLU A 83 7.99 17.63 -17.43
CA GLU A 83 8.87 16.50 -17.72
C GLU A 83 9.78 16.22 -16.54
N ARG A 84 9.88 14.94 -16.16
CA ARG A 84 10.71 14.51 -15.05
C ARG A 84 11.62 13.37 -15.51
N MET A 85 12.66 13.12 -14.70
CA MET A 85 13.51 11.95 -14.87
C MET A 85 13.21 11.00 -13.71
N LEU A 86 12.68 9.83 -14.02
CA LEU A 86 12.19 8.89 -13.02
C LEU A 86 12.72 7.49 -13.29
N PHE A 87 12.70 6.66 -12.26
CA PHE A 87 13.19 5.30 -12.35
C PHE A 87 12.05 4.33 -12.65
N HIS A 88 12.38 3.27 -13.39
CA HIS A 88 11.44 2.21 -13.70
C HIS A 88 12.15 0.86 -13.60
N GLY A 89 11.66 0.01 -12.71
CA GLY A 89 12.16 -1.35 -12.57
C GLY A 89 11.11 -2.33 -13.08
N SER A 90 11.55 -3.33 -13.83
CA SER A 90 10.62 -4.27 -14.44
C SER A 90 11.38 -5.48 -14.93
N PRO A 91 10.74 -6.65 -14.99
CA PRO A 91 11.39 -7.81 -15.62
C PRO A 91 11.50 -7.69 -17.13
N PHE A 92 10.89 -6.68 -17.74
CA PHE A 92 10.84 -6.56 -19.19
C PHE A 92 11.65 -5.38 -19.71
N VAL A 93 12.73 -5.03 -18.99
CA VAL A 93 13.55 -3.90 -19.42
C VAL A 93 14.09 -4.12 -20.83
N ASN A 94 14.40 -5.37 -21.17
CA ASN A 94 14.95 -5.66 -22.49
C ASN A 94 13.93 -5.39 -23.58
N ALA A 95 12.66 -5.69 -23.33
CA ALA A 95 11.62 -5.37 -24.30
C ALA A 95 11.29 -3.88 -24.32
N ILE A 96 11.52 -3.18 -23.21
CA ILE A 96 11.18 -1.76 -23.14
C ILE A 96 12.18 -0.94 -23.94
N ILE A 97 13.46 -1.30 -23.88
CA ILE A 97 14.48 -0.52 -24.58
C ILE A 97 14.46 -0.77 -26.09
N HIS A 98 13.86 -1.86 -26.54
CA HIS A 98 13.80 -2.19 -27.96
C HIS A 98 12.46 -1.86 -28.59
N LYS A 99 11.36 -2.19 -27.92
CA LYS A 99 10.03 -1.97 -28.47
C LYS A 99 9.30 -0.78 -27.85
N GLY A 100 9.78 -0.26 -26.72
CA GLY A 100 9.16 0.86 -26.08
C GLY A 100 8.09 0.45 -25.08
N PHE A 101 7.65 1.43 -24.30
CA PHE A 101 6.60 1.19 -23.31
C PHE A 101 5.26 0.94 -24.00
N ASP A 102 4.44 0.09 -23.39
CA ASP A 102 3.12 -0.21 -23.91
C ASP A 102 2.31 -0.87 -22.79
N GLU A 103 1.11 -1.35 -23.14
CA GLU A 103 0.19 -1.87 -22.13
C GLU A 103 0.81 -3.02 -21.34
N ARG A 104 1.54 -3.91 -22.01
CA ARG A 104 2.07 -5.09 -21.34
C ARG A 104 2.90 -4.73 -20.12
N HIS A 105 3.54 -3.57 -20.12
CA HIS A 105 4.40 -3.14 -19.03
C HIS A 105 3.64 -2.39 -17.94
N ALA A 106 2.32 -2.53 -17.89
CA ALA A 106 1.51 -1.88 -16.89
C ALA A 106 1.30 -2.79 -15.69
N TYR A 107 1.10 -2.18 -14.53
CA TYR A 107 0.82 -2.89 -13.28
C TYR A 107 -0.69 -2.78 -13.04
N ILE A 108 -1.43 -3.82 -13.46
CA ILE A 108 -2.88 -3.76 -13.40
C ILE A 108 -3.36 -3.67 -11.95
N GLY A 109 -2.64 -4.32 -11.03
CA GLY A 109 -2.96 -4.25 -9.62
C GLY A 109 -2.41 -3.04 -8.90
N GLY A 110 -1.91 -2.06 -9.63
CA GLY A 110 -1.30 -0.90 -9.00
C GLY A 110 -2.30 -0.10 -8.19
N MET A 111 -1.79 0.56 -7.15
CA MET A 111 -2.66 1.33 -6.27
C MET A 111 -3.33 2.49 -6.99
N PHE A 112 -2.70 3.03 -8.03
CA PHE A 112 -3.20 4.19 -8.74
C PHE A 112 -3.70 3.86 -10.13
N GLY A 113 -4.08 2.61 -10.38
CA GLY A 113 -4.69 2.21 -11.63
C GLY A 113 -3.77 1.34 -12.47
N ALA A 114 -4.31 0.86 -13.58
CA ALA A 114 -3.60 -0.01 -14.50
C ALA A 114 -2.79 0.85 -15.45
N GLY A 115 -1.55 1.14 -15.06
CA GLY A 115 -0.66 1.94 -15.88
C GLY A 115 0.80 1.64 -15.65
N ILE A 116 1.68 2.42 -16.26
CA ILE A 116 3.12 2.24 -16.12
C ILE A 116 3.58 3.10 -14.94
N TYR A 117 4.23 2.47 -13.98
CA TYR A 117 4.59 3.12 -12.72
C TYR A 117 6.06 3.50 -12.71
N PHE A 118 6.34 4.70 -12.19
CA PHE A 118 7.68 5.24 -12.07
C PHE A 118 7.90 5.76 -10.67
N ALA A 119 9.17 5.96 -10.30
CA ALA A 119 9.54 6.34 -8.95
C ALA A 119 10.61 7.41 -8.96
N GLU A 120 10.60 8.24 -7.92
CA GLU A 120 11.72 9.09 -7.60
C GLU A 120 12.74 8.39 -6.71
N ASN A 121 12.31 7.37 -5.96
CA ASN A 121 13.22 6.53 -5.17
C ASN A 121 13.65 5.36 -6.04
N SER A 122 14.94 5.33 -6.41
CA SER A 122 15.47 4.18 -7.13
C SER A 122 15.21 2.89 -6.37
N SER A 123 15.36 2.92 -5.04
CA SER A 123 15.15 1.71 -4.25
C SER A 123 13.73 1.18 -4.40
N LYS A 124 12.77 2.05 -4.66
CA LYS A 124 11.39 1.58 -4.89
C LYS A 124 11.29 0.82 -6.20
N SER A 125 11.81 1.40 -7.29
CA SER A 125 11.83 0.66 -8.55
C SER A 125 12.60 -0.64 -8.43
N ASN A 126 13.62 -0.68 -7.58
CA ASN A 126 14.38 -1.91 -7.38
C ASN A 126 13.52 -3.04 -6.86
N GLN A 127 12.40 -2.73 -6.21
CA GLN A 127 11.53 -3.78 -5.69
C GLN A 127 10.81 -4.54 -6.79
N TYR A 128 10.81 -4.02 -8.02
CA TYR A 128 10.08 -4.63 -9.12
C TYR A 128 11.00 -5.19 -10.20
N VAL A 129 12.32 -5.16 -9.98
CA VAL A 129 13.24 -5.68 -10.98
C VAL A 129 12.97 -7.15 -11.26
N TYR A 130 12.65 -7.92 -10.22
CA TYR A 130 12.39 -9.34 -10.32
C TYR A 130 10.89 -9.67 -10.29
N GLY A 131 10.04 -8.68 -10.50
CA GLY A 131 8.60 -8.88 -10.53
C GLY A 131 7.92 -8.20 -9.35
N ILE A 132 6.60 -8.40 -9.29
CA ILE A 132 5.80 -7.82 -8.21
C ILE A 132 6.34 -8.29 -6.88
N GLY A 133 6.59 -7.36 -5.97
CA GLY A 133 7.08 -7.72 -4.65
C GLY A 133 8.34 -8.56 -4.68
N GLY A 134 9.21 -8.30 -5.66
CA GLY A 134 10.43 -9.06 -5.80
C GLY A 134 10.28 -10.43 -6.43
N GLY A 135 9.06 -10.91 -6.61
CA GLY A 135 8.86 -12.22 -7.19
C GLY A 135 9.55 -13.28 -6.35
N THR A 136 10.27 -14.17 -7.02
CA THR A 136 11.04 -15.22 -6.36
C THR A 136 12.50 -14.84 -6.21
N GLY A 137 12.86 -13.57 -6.45
CA GLY A 137 14.23 -13.15 -6.38
C GLY A 137 14.97 -13.37 -7.68
N CYS A 138 16.30 -13.30 -7.58
CA CYS A 138 17.13 -13.49 -8.77
C CYS A 138 16.86 -14.85 -9.38
N PRO A 139 16.97 -14.97 -10.71
CA PRO A 139 16.70 -16.27 -11.35
C PRO A 139 17.65 -17.37 -10.94
N VAL A 140 18.85 -17.04 -10.46
CA VAL A 140 19.85 -18.06 -10.16
C VAL A 140 19.70 -18.60 -8.74
N HIS A 141 19.66 -17.73 -7.74
CA HIS A 141 19.58 -18.14 -6.35
C HIS A 141 18.18 -18.04 -5.75
N LYS A 142 17.21 -17.50 -6.50
CA LYS A 142 15.87 -17.27 -5.96
C LYS A 142 15.92 -16.42 -4.69
N ASP A 143 16.83 -15.45 -4.68
CA ASP A 143 17.10 -14.63 -3.50
C ASP A 143 16.74 -13.19 -3.84
N ARG A 144 15.68 -12.68 -3.20
CA ARG A 144 15.26 -11.30 -3.43
C ARG A 144 16.26 -10.29 -2.87
N SER A 145 17.18 -10.73 -2.01
CA SER A 145 18.24 -9.87 -1.51
C SER A 145 19.60 -10.39 -1.96
N CYS A 146 19.74 -10.68 -3.25
CA CYS A 146 20.98 -11.22 -3.78
C CYS A 146 21.99 -10.09 -3.97
N TYR A 147 23.16 -10.24 -3.36
CA TYR A 147 24.25 -9.29 -3.51
C TYR A 147 25.22 -9.69 -4.61
N ILE A 148 24.92 -10.75 -5.35
CA ILE A 148 25.80 -11.30 -6.38
C ILE A 148 25.27 -10.97 -7.77
N CYS A 149 24.08 -11.46 -8.10
CA CYS A 149 23.55 -11.31 -9.45
C CYS A 149 23.46 -9.85 -9.84
N HIS A 150 23.57 -9.60 -11.14
CA HIS A 150 23.46 -8.25 -11.67
C HIS A 150 21.99 -7.88 -11.88
N ARG A 151 21.65 -6.65 -11.51
CA ARG A 151 20.31 -6.09 -11.71
C ARG A 151 20.36 -4.97 -12.74
N GLN A 152 19.18 -4.56 -13.20
CA GLN A 152 19.07 -3.52 -14.21
C GLN A 152 17.86 -2.65 -13.93
N LEU A 153 18.10 -1.34 -13.90
CA LEU A 153 17.05 -0.34 -13.78
C LEU A 153 17.06 0.57 -15.01
N LEU A 154 15.98 1.33 -15.16
CA LEU A 154 15.82 2.29 -16.24
C LEU A 154 15.62 3.68 -15.64
N PHE A 155 16.38 4.65 -16.13
CA PHE A 155 16.24 6.06 -15.74
C PHE A 155 15.63 6.76 -16.94
N CYS A 156 14.32 7.05 -16.86
CA CYS A 156 13.52 7.41 -18.02
C CYS A 156 13.10 8.87 -17.99
N ARG A 157 12.91 9.44 -19.18
CA ARG A 157 12.35 10.77 -19.36
C ARG A 157 10.84 10.64 -19.47
N VAL A 158 10.11 11.20 -18.52
CA VAL A 158 8.67 10.98 -18.39
C VAL A 158 7.95 12.31 -18.52
N THR A 159 6.87 12.30 -19.30
CA THR A 159 5.99 13.45 -19.46
C THR A 159 4.76 13.25 -18.59
N LEU A 160 4.51 14.17 -17.67
CA LEU A 160 3.40 14.05 -16.73
C LEU A 160 2.23 14.97 -17.05
N GLY A 161 2.44 16.04 -17.80
CA GLY A 161 1.37 16.98 -18.04
C GLY A 161 0.73 17.42 -16.74
N LYS A 162 -0.59 17.59 -16.77
CA LYS A 162 -1.35 17.84 -15.55
C LYS A 162 -1.58 16.50 -14.85
N SER A 163 -1.03 16.36 -13.65
CA SER A 163 -1.07 15.11 -12.91
C SER A 163 -2.12 15.20 -11.81
N PHE A 164 -2.94 14.16 -11.71
CA PHE A 164 -3.92 14.07 -10.63
C PHE A 164 -3.20 13.68 -9.34
N LEU A 165 -3.44 14.43 -8.27
CA LEU A 165 -2.79 14.20 -6.99
C LEU A 165 -3.63 13.24 -6.16
N GLN A 166 -3.07 12.07 -5.85
CA GLN A 166 -3.71 11.06 -5.01
C GLN A 166 -2.92 10.95 -3.72
N PHE A 167 -3.51 11.41 -2.62
CA PHE A 167 -2.86 11.34 -1.33
C PHE A 167 -3.05 9.96 -0.70
N SER A 168 -2.03 9.52 0.04
CA SER A 168 -2.06 8.19 0.65
C SER A 168 -2.42 8.25 2.12
N MET B 1 -5.13 -1.67 -20.34
CA MET B 1 -4.62 -0.41 -19.81
C MET B 1 -5.77 0.54 -19.51
N ALA B 2 -5.74 1.14 -18.32
CA ALA B 2 -6.77 2.07 -17.90
C ALA B 2 -6.55 3.43 -18.57
N HIS B 3 -7.34 4.42 -18.17
CA HIS B 3 -7.25 5.78 -18.70
C HIS B 3 -6.83 6.72 -17.59
N SER B 4 -6.23 7.84 -17.98
CA SER B 4 -5.91 8.88 -17.02
C SER B 4 -7.20 9.57 -16.56
N PRO B 5 -7.17 10.17 -15.38
CA PRO B 5 -8.36 10.88 -14.91
C PRO B 5 -8.78 11.95 -15.91
N PRO B 6 -10.08 12.21 -16.05
CA PRO B 6 -10.52 13.18 -17.05
C PRO B 6 -9.87 14.54 -16.85
N GLY B 7 -9.24 15.03 -17.91
CA GLY B 7 -8.54 16.30 -17.87
C GLY B 7 -7.12 16.23 -17.35
N HIS B 8 -6.58 15.03 -17.14
CA HIS B 8 -5.23 14.86 -16.64
C HIS B 8 -4.45 13.95 -17.58
N HIS B 9 -3.12 13.96 -17.42
CA HIS B 9 -2.24 13.15 -18.25
C HIS B 9 -1.47 12.10 -17.45
N SER B 10 -1.54 12.11 -16.13
CA SER B 10 -0.85 11.14 -15.30
C SER B 10 -1.46 11.19 -13.90
N VAL B 11 -0.88 10.42 -13.00
CA VAL B 11 -1.32 10.36 -11.61
C VAL B 11 -0.10 10.41 -10.71
N THR B 12 -0.12 11.29 -9.71
CA THR B 12 0.96 11.44 -8.75
C THR B 12 0.51 10.83 -7.43
N GLY B 13 1.24 9.82 -6.97
CA GLY B 13 1.01 9.24 -5.66
C GLY B 13 1.86 9.93 -4.61
N ARG B 14 1.23 10.72 -3.75
CA ARG B 14 1.96 11.45 -2.73
C ARG B 14 2.13 10.58 -1.50
N PRO B 15 3.36 10.37 -1.01
CA PRO B 15 3.53 9.59 0.23
C PRO B 15 3.03 10.38 1.43
N SER B 16 2.14 9.77 2.21
CA SER B 16 1.49 10.43 3.34
C SER B 16 2.08 9.94 4.66
N VAL B 17 1.80 8.69 5.05
CA VAL B 17 2.28 8.19 6.34
C VAL B 17 3.80 8.22 6.39
N ASN B 18 4.46 7.68 5.37
CA ASN B 18 5.91 7.63 5.35
C ASN B 18 6.47 9.02 5.03
N GLY B 19 7.38 9.50 5.88
CA GLY B 19 7.95 10.82 5.72
C GLY B 19 9.09 10.87 4.74
N LEU B 20 9.99 9.89 4.81
CA LEU B 20 11.15 9.86 3.94
C LEU B 20 10.83 9.43 2.51
N ALA B 21 9.64 8.88 2.28
CA ALA B 21 9.30 8.38 0.95
C ALA B 21 9.10 9.52 -0.03
N LEU B 22 9.53 9.31 -1.26
CA LEU B 22 9.34 10.26 -2.34
C LEU B 22 8.16 9.83 -3.21
N ALA B 23 7.86 10.63 -4.22
CA ALA B 23 6.65 10.45 -5.00
C ALA B 23 6.77 9.24 -5.95
N GLU B 24 5.61 8.73 -6.34
CA GLU B 24 5.48 7.74 -7.41
C GLU B 24 4.49 8.29 -8.42
N TYR B 25 4.69 7.91 -9.69
CA TYR B 25 3.91 8.46 -10.78
C TYR B 25 3.42 7.34 -11.69
N VAL B 26 2.29 7.59 -12.34
CA VAL B 26 1.66 6.62 -13.23
C VAL B 26 1.23 7.34 -14.50
N ILE B 27 1.60 6.78 -15.65
CA ILE B 27 1.12 7.25 -16.94
C ILE B 27 0.30 6.12 -17.57
N TYR B 28 -0.59 6.51 -18.48
CA TYR B 28 -1.45 5.56 -19.17
C TYR B 28 -1.24 5.61 -20.68
N ARG B 29 -0.15 6.22 -21.12
CA ARG B 29 0.26 6.22 -22.52
C ARG B 29 1.75 5.92 -22.56
N GLY B 30 2.11 4.75 -23.09
CA GLY B 30 3.51 4.36 -23.17
C GLY B 30 4.38 5.39 -23.88
N GLU B 31 3.75 6.23 -24.70
CA GLU B 31 4.47 7.25 -25.45
C GLU B 31 4.91 8.43 -24.59
N GLN B 32 4.39 8.55 -23.37
CA GLN B 32 4.77 9.63 -22.46
C GLN B 32 6.00 9.30 -21.64
N ALA B 33 6.77 8.30 -22.03
CA ALA B 33 8.01 7.95 -21.32
C ALA B 33 9.01 7.39 -22.32
N TYR B 34 10.25 7.87 -22.25
CA TYR B 34 11.34 7.36 -23.06
C TYR B 34 12.43 6.79 -22.16
N PRO B 35 12.85 5.54 -22.36
CA PRO B 35 13.95 5.00 -21.54
C PRO B 35 15.30 5.57 -21.95
N GLU B 36 15.84 6.48 -21.15
CA GLU B 36 17.07 7.18 -21.52
C GLU B 36 18.30 6.35 -21.19
N TYR B 37 18.45 5.95 -19.93
CA TYR B 37 19.65 5.28 -19.45
C TYR B 37 19.32 3.88 -18.94
N LEU B 38 20.19 2.93 -19.28
CA LEU B 38 20.11 1.56 -18.79
C LEU B 38 21.24 1.36 -17.79
N ILE B 39 20.89 1.16 -16.53
CA ILE B 39 21.87 1.07 -15.43
C ILE B 39 21.97 -0.38 -15.00
N THR B 40 23.19 -0.90 -14.97
CA THR B 40 23.48 -2.25 -14.49
C THR B 40 24.22 -2.14 -13.17
N TYR B 41 23.76 -2.86 -12.16
CA TYR B 41 24.25 -2.62 -10.81
C TYR B 41 24.01 -3.85 -9.94
N GLN B 42 24.57 -3.80 -8.73
CA GLN B 42 24.31 -4.76 -7.68
C GLN B 42 23.97 -3.99 -6.40
N ILE B 43 23.08 -4.56 -5.59
CA ILE B 43 22.88 -4.03 -4.25
C ILE B 43 24.02 -4.50 -3.37
N MET B 44 24.44 -3.65 -2.44
CA MET B 44 25.60 -3.92 -1.60
C MET B 44 25.17 -4.24 -0.18
N ARG B 45 25.81 -5.25 0.41
CA ARG B 45 25.49 -5.64 1.77
C ARG B 45 26.00 -4.58 2.74
N PRO B 46 25.16 -4.11 3.67
CA PRO B 46 25.66 -3.19 4.69
C PRO B 46 26.82 -3.81 5.46
N GLU B 47 27.72 -2.95 5.94
CA GLU B 47 28.89 -3.40 6.69
C GLU B 47 28.50 -4.37 7.80
N SER C 8 10.40 0.16 15.06
CA SER C 8 9.34 -0.34 15.93
C SER C 8 9.30 -1.86 15.96
N GLY C 9 10.01 -2.49 15.03
CA GLY C 9 9.99 -3.92 14.88
C GLY C 9 8.92 -4.44 13.94
N THR C 10 8.13 -3.56 13.33
CA THR C 10 7.05 -3.94 12.44
C THR C 10 7.52 -3.87 11.00
N ILE C 11 7.23 -4.93 10.24
CA ILE C 11 7.47 -4.97 8.80
C ILE C 11 6.15 -5.30 8.12
N LEU C 12 5.90 -4.67 6.98
CA LEU C 12 4.70 -4.89 6.20
C LEU C 12 5.05 -5.65 4.93
N ILE C 13 4.44 -6.81 4.74
CA ILE C 13 4.68 -7.66 3.58
C ILE C 13 3.43 -7.62 2.71
N ASP C 14 3.56 -7.09 1.50
CA ASP C 14 2.44 -7.08 0.58
C ASP C 14 2.10 -8.51 0.14
N LEU C 15 0.81 -8.78 0.03
CA LEU C 15 0.31 -10.04 -0.48
C LEU C 15 -0.13 -9.85 -1.92
N SER C 16 0.12 -10.86 -2.75
CA SER C 16 -0.23 -10.73 -4.16
C SER C 16 -1.72 -11.00 -4.35
N PRO C 17 -2.41 -10.22 -5.19
CA PRO C 17 -3.83 -10.48 -5.44
C PRO C 17 -4.12 -11.92 -5.86
N ASP C 18 -3.10 -12.62 -6.35
CA ASP C 18 -3.20 -14.03 -6.69
C ASP C 18 -2.96 -14.94 -5.50
N ASP C 19 -2.63 -14.39 -4.34
CA ASP C 19 -2.40 -15.19 -3.14
C ASP C 19 -3.72 -15.56 -2.50
N LYS C 20 -3.87 -16.83 -2.13
CA LYS C 20 -5.12 -17.27 -1.50
C LYS C 20 -5.39 -16.49 -0.22
N GLU C 21 -4.33 -16.11 0.51
CA GLU C 21 -4.50 -15.30 1.71
C GLU C 21 -5.15 -13.97 1.37
N PHE C 22 -4.65 -13.31 0.32
CA PHE C 22 -5.24 -12.05 -0.13
C PHE C 22 -6.72 -12.21 -0.42
N GLN C 23 -7.10 -13.32 -1.06
CA GLN C 23 -8.45 -13.47 -1.56
C GLN C 23 -9.43 -13.78 -0.44
N SER C 24 -9.04 -14.61 0.53
CA SER C 24 -9.92 -14.89 1.66
C SER C 24 -10.11 -13.67 2.54
N VAL C 25 -9.20 -12.72 2.51
CA VAL C 25 -9.35 -11.48 3.29
C VAL C 25 -10.19 -10.46 2.54
N GLU C 26 -9.96 -10.29 1.24
CA GLU C 26 -10.83 -9.42 0.46
C GLU C 26 -12.27 -9.92 0.49
N GLU C 27 -12.46 -11.23 0.43
CA GLU C 27 -13.80 -11.79 0.49
C GLU C 27 -14.46 -11.46 1.82
N GLU C 28 -13.74 -11.63 2.92
CA GLU C 28 -14.31 -11.35 4.22
C GLU C 28 -14.65 -9.87 4.39
N MET C 29 -13.91 -8.99 3.72
CA MET C 29 -14.25 -7.57 3.79
C MET C 29 -15.39 -7.23 2.85
N GLN C 30 -15.33 -7.73 1.62
CA GLN C 30 -16.38 -7.42 0.63
C GLN C 30 -17.72 -8.02 1.04
N SER C 31 -17.72 -9.17 1.70
CA SER C 31 -18.96 -9.88 2.00
C SER C 31 -19.64 -9.38 3.26
N THR C 32 -18.97 -8.58 4.09
CA THR C 32 -19.55 -8.07 5.33
C THR C 32 -20.01 -6.63 5.22
N VAL C 33 -20.12 -6.10 3.99
CA VAL C 33 -20.70 -4.77 3.82
C VAL C 33 -22.21 -4.84 4.07
N ARG C 34 -22.76 -3.75 4.60
CA ARG C 34 -24.18 -3.67 4.85
C ARG C 34 -24.61 -2.22 4.82
N GLU C 35 -25.91 -2.01 4.61
CA GLU C 35 -26.48 -0.67 4.72
C GLU C 35 -26.60 -0.30 6.19
N HIS C 36 -26.35 0.97 6.49
CA HIS C 36 -26.38 1.48 7.85
C HIS C 36 -27.54 2.45 8.02
N ARG C 37 -28.01 2.57 9.26
CA ARG C 37 -29.24 3.31 9.55
C ARG C 37 -29.06 4.83 9.42
N ASP C 38 -27.84 5.30 9.18
CA ASP C 38 -27.59 6.73 8.99
C ASP C 38 -27.56 7.11 7.52
N GLY C 39 -27.85 6.18 6.61
CA GLY C 39 -27.80 6.47 5.19
C GLY C 39 -26.43 6.77 4.65
N GLY C 40 -25.38 6.31 5.34
CA GLY C 40 -24.02 6.59 4.91
C GLY C 40 -23.47 7.90 5.41
N HIS C 41 -24.09 8.50 6.42
CA HIS C 41 -23.62 9.79 6.91
C HIS C 41 -22.20 9.70 7.46
N ALA C 42 -21.87 8.61 8.14
CA ALA C 42 -20.58 8.47 8.79
C ALA C 42 -19.53 7.86 7.87
N GLY C 43 -19.87 6.80 7.15
CA GLY C 43 -18.90 6.05 6.38
C GLY C 43 -19.03 6.23 4.88
N GLY C 44 -20.11 6.86 4.43
CA GLY C 44 -20.34 7.08 3.02
C GLY C 44 -21.29 6.05 2.43
N ILE C 45 -21.67 6.30 1.18
CA ILE C 45 -22.64 5.48 0.46
C ILE C 45 -21.89 4.55 -0.48
N PHE C 46 -22.04 3.24 -0.25
CA PHE C 46 -21.35 2.24 -1.06
C PHE C 46 -21.96 0.88 -0.77
N ASN C 47 -21.85 -0.02 -1.75
CA ASN C 47 -22.20 -1.42 -1.55
C ASN C 47 -20.98 -2.34 -1.61
N ARG C 48 -19.82 -1.81 -1.97
CA ARG C 48 -18.61 -2.62 -2.13
C ARG C 48 -17.41 -1.68 -2.11
N TYR C 49 -16.23 -2.27 -1.96
CA TYR C 49 -14.99 -1.53 -1.95
C TYR C 49 -14.17 -1.83 -3.20
N ASN C 50 -13.09 -1.07 -3.36
CA ASN C 50 -12.02 -1.35 -4.31
C ASN C 50 -10.76 -1.58 -3.49
N ILE C 51 -10.32 -2.84 -3.43
CA ILE C 51 -9.16 -3.20 -2.62
C ILE C 51 -7.90 -2.86 -3.41
N LEU C 52 -7.04 -2.04 -2.82
CA LEU C 52 -5.82 -1.58 -3.47
C LEU C 52 -4.56 -2.29 -2.99
N LYS C 53 -4.57 -2.78 -1.75
CA LYS C 53 -3.40 -3.46 -1.20
C LYS C 53 -3.79 -4.11 0.11
N ILE C 54 -3.19 -5.27 0.38
CA ILE C 54 -3.34 -5.97 1.65
C ILE C 54 -1.96 -6.37 2.12
N GLN C 55 -1.60 -5.99 3.33
CA GLN C 55 -0.27 -6.19 3.88
C GLN C 55 -0.36 -6.98 5.18
N LYS C 56 0.57 -7.91 5.36
CA LYS C 56 0.72 -8.59 6.64
C LYS C 56 1.51 -7.71 7.60
N VAL C 57 1.11 -7.72 8.86
CA VAL C 57 1.79 -6.95 9.91
C VAL C 57 2.56 -7.94 10.77
N CYS C 58 3.88 -7.90 10.67
CA CYS C 58 4.77 -8.81 11.38
C CYS C 58 5.55 -8.04 12.43
N ASN C 59 5.31 -8.36 13.70
CA ASN C 59 6.06 -7.76 14.81
C ASN C 59 6.18 -8.80 15.90
N LYS C 60 7.41 -9.23 16.19
CA LYS C 60 7.63 -10.32 17.12
C LYS C 60 7.13 -9.96 18.52
N LYS C 61 7.57 -8.82 19.05
CA LYS C 61 7.20 -8.44 20.41
C LYS C 61 5.68 -8.34 20.55
N LEU C 62 5.03 -7.68 19.59
CA LEU C 62 3.58 -7.52 19.68
C LEU C 62 2.86 -8.86 19.57
N TRP C 63 3.44 -9.83 18.87
CA TRP C 63 2.78 -11.12 18.72
C TRP C 63 2.92 -11.96 19.99
N GLU C 64 4.15 -12.12 20.49
CA GLU C 64 4.35 -12.84 21.75
C GLU C 64 3.54 -12.21 22.87
N ARG C 65 3.37 -10.90 22.85
CA ARG C 65 2.54 -10.22 23.84
C ARG C 65 1.08 -10.63 23.70
N TYR C 66 0.64 -10.92 22.48
CA TYR C 66 -0.74 -11.37 22.26
C TYR C 66 -0.91 -12.83 22.62
N THR C 67 0.04 -13.68 22.23
CA THR C 67 -0.08 -15.10 22.51
C THR C 67 0.05 -15.40 24.01
N HIS C 68 0.83 -14.60 24.73
CA HIS C 68 0.93 -14.77 26.17
C HIS C 68 -0.40 -14.44 26.85
N ARG C 69 -0.99 -13.29 26.49
CA ARG C 69 -2.31 -12.96 27.01
C ARG C 69 -3.35 -13.99 26.61
N ARG C 70 -3.20 -14.58 25.42
CA ARG C 70 -4.16 -15.57 24.95
C ARG C 70 -4.13 -16.82 25.82
N LYS C 71 -2.93 -17.27 26.19
CA LYS C 71 -2.83 -18.41 27.10
C LYS C 71 -3.55 -18.13 28.41
N GLU C 72 -3.35 -16.93 28.97
CA GLU C 72 -4.04 -16.57 30.21
C GLU C 72 -5.55 -16.67 30.04
N VAL C 73 -6.10 -16.01 29.02
CA VAL C 73 -7.54 -16.05 28.79
C VAL C 73 -8.01 -17.48 28.58
N SER C 74 -7.24 -18.26 27.80
CA SER C 74 -7.65 -19.62 27.49
C SER C 74 -7.77 -20.46 28.76
N GLU C 75 -6.82 -20.31 29.68
CA GLU C 75 -6.83 -21.12 30.89
C GLU C 75 -7.89 -20.67 31.89
N GLU C 76 -8.36 -19.43 31.79
CA GLU C 76 -9.46 -18.95 32.63
C GLU C 76 -10.82 -19.23 32.01
N ASN C 77 -10.89 -20.04 30.96
CA ASN C 77 -12.15 -20.27 30.25
C ASN C 77 -12.10 -21.64 29.58
N HIS C 78 -11.98 -22.69 30.40
CA HIS C 78 -11.85 -24.07 29.94
C HIS C 78 -11.09 -24.20 28.63
N ASN C 79 -9.85 -23.72 28.60
CA ASN C 79 -8.95 -23.86 27.46
C ASN C 79 -9.65 -23.49 26.15
N HIS C 80 -10.18 -22.27 26.10
CA HIS C 80 -10.88 -21.78 24.91
C HIS C 80 -10.68 -20.27 24.84
N ALA C 81 -9.76 -19.85 23.97
CA ALA C 81 -9.49 -18.42 23.84
C ALA C 81 -10.67 -17.68 23.20
N ASN C 82 -11.49 -18.38 22.42
CA ASN C 82 -12.59 -17.76 21.69
C ASN C 82 -12.05 -16.66 20.76
N GLU C 83 -11.19 -17.08 19.85
CA GLU C 83 -10.45 -16.16 18.99
C GLU C 83 -11.22 -15.91 17.69
N ARG C 84 -11.32 -14.64 17.30
CA ARG C 84 -12.03 -14.23 16.09
C ARG C 84 -11.12 -13.36 15.24
N MET C 85 -11.50 -13.22 13.98
CA MET C 85 -10.90 -12.25 13.06
C MET C 85 -11.93 -11.14 12.84
N LEU C 86 -11.62 -9.94 13.32
CA LEU C 86 -12.56 -8.84 13.30
C LEU C 86 -11.90 -7.60 12.73
N PHE C 87 -12.73 -6.66 12.28
CA PHE C 87 -12.25 -5.42 11.69
C PHE C 87 -12.18 -4.32 12.74
N HIS C 88 -11.25 -3.39 12.52
CA HIS C 88 -11.08 -2.23 13.39
C HIS C 88 -10.78 -1.01 12.53
N GLY C 89 -11.62 0.01 12.63
CA GLY C 89 -11.40 1.28 11.96
C GLY C 89 -10.96 2.32 12.98
N SER C 90 -10.03 3.17 12.58
CA SER C 90 -9.49 4.16 13.51
C SER C 90 -8.61 5.16 12.76
N PRO C 91 -8.54 6.41 13.23
CA PRO C 91 -7.54 7.34 12.68
C PRO C 91 -6.14 7.11 13.22
N PHE C 92 -5.94 6.11 14.06
CA PHE C 92 -4.64 5.81 14.67
C PHE C 92 -4.08 4.49 14.16
N VAL C 93 -4.43 4.10 12.93
CA VAL C 93 -3.99 2.81 12.39
C VAL C 93 -2.47 2.71 12.41
N ASN C 94 -1.78 3.83 12.14
CA ASN C 94 -0.32 3.77 12.08
C ASN C 94 0.28 3.53 13.45
N ALA C 95 -0.29 4.13 14.50
CA ALA C 95 0.18 3.85 15.85
C ALA C 95 -0.08 2.40 16.24
N ILE C 96 -1.22 1.85 15.82
CA ILE C 96 -1.61 0.52 16.25
C ILE C 96 -0.65 -0.53 15.70
N ILE C 97 -0.23 -0.39 14.45
CA ILE C 97 0.60 -1.43 13.85
C ILE C 97 2.03 -1.37 14.37
N HIS C 98 2.52 -0.19 14.76
CA HIS C 98 3.89 -0.06 15.23
C HIS C 98 4.00 -0.24 16.75
N LYS C 99 3.09 0.39 17.51
CA LYS C 99 3.14 0.33 18.96
C LYS C 99 2.19 -0.71 19.54
N GLY C 100 1.09 -1.02 18.86
CA GLY C 100 0.10 -1.95 19.36
C GLY C 100 -1.13 -1.25 19.89
N PHE C 101 -2.10 -2.05 20.32
CA PHE C 101 -3.32 -1.52 20.91
C PHE C 101 -3.06 -1.11 22.35
N ASP C 102 -3.66 0.00 22.76
CA ASP C 102 -3.57 0.48 24.14
C ASP C 102 -4.75 1.41 24.40
N GLU C 103 -4.69 2.15 25.50
CA GLU C 103 -5.85 2.89 25.98
C GLU C 103 -6.24 4.02 25.02
N ARG C 104 -5.28 4.60 24.30
CA ARG C 104 -5.60 5.71 23.42
C ARG C 104 -6.62 5.34 22.36
N HIS C 105 -6.63 4.07 21.94
CA HIS C 105 -7.51 3.59 20.89
C HIS C 105 -8.84 3.10 21.42
N ALA C 106 -9.18 3.45 22.65
CA ALA C 106 -10.42 3.01 23.27
C ALA C 106 -11.50 4.07 23.09
N TYR C 107 -12.65 3.65 22.57
CA TYR C 107 -13.81 4.53 22.41
C TYR C 107 -14.42 4.73 23.79
N ILE C 108 -14.06 5.84 24.44
CA ILE C 108 -14.50 6.06 25.82
C ILE C 108 -16.01 6.19 25.89
N GLY C 109 -16.61 6.88 24.94
CA GLY C 109 -18.05 7.07 24.93
C GLY C 109 -18.79 5.98 24.17
N GLY C 110 -18.20 4.78 24.12
CA GLY C 110 -18.82 3.70 23.39
C GLY C 110 -20.08 3.18 24.08
N MET C 111 -20.89 2.46 23.30
CA MET C 111 -22.15 1.94 23.81
C MET C 111 -21.93 0.86 24.86
N PHE C 112 -20.88 0.05 24.71
CA PHE C 112 -20.64 -1.08 25.61
C PHE C 112 -19.44 -0.83 26.53
N GLY C 113 -19.11 0.42 26.80
CA GLY C 113 -18.06 0.77 27.73
C GLY C 113 -16.89 1.46 27.05
N ALA C 114 -15.87 1.73 27.86
CA ALA C 114 -14.67 2.42 27.41
C ALA C 114 -13.58 1.39 27.11
N GLY C 115 -13.71 0.74 25.97
CA GLY C 115 -12.74 -0.23 25.52
C GLY C 115 -12.44 -0.10 24.04
N ILE C 116 -11.76 -1.10 23.49
CA ILE C 116 -11.40 -1.12 22.08
C ILE C 116 -12.46 -1.91 21.32
N TYR C 117 -13.00 -1.33 20.25
CA TYR C 117 -14.16 -1.88 19.57
C TYR C 117 -13.76 -2.55 18.25
N PHE C 118 -14.47 -3.62 17.92
CA PHE C 118 -14.27 -4.37 16.69
C PHE C 118 -15.63 -4.77 16.13
N ALA C 119 -15.65 -5.10 14.84
CA ALA C 119 -16.90 -5.40 14.15
C ALA C 119 -16.71 -6.56 13.20
N GLU C 120 -17.77 -7.37 13.07
CA GLU C 120 -17.84 -8.35 11.99
C GLU C 120 -18.22 -7.69 10.67
N ASN C 121 -18.98 -6.60 10.73
CA ASN C 121 -19.28 -5.81 9.54
C ASN C 121 -18.11 -4.88 9.24
N SER C 122 -17.45 -5.10 8.10
CA SER C 122 -16.36 -4.21 7.71
C SER C 122 -16.87 -2.78 7.53
N SER C 123 -18.08 -2.62 6.99
CA SER C 123 -18.63 -1.29 6.76
C SER C 123 -18.84 -0.54 8.07
N LYS C 124 -19.12 -1.25 9.15
CA LYS C 124 -19.24 -0.58 10.45
C LYS C 124 -17.91 0.01 10.89
N SER C 125 -16.84 -0.79 10.81
CA SER C 125 -15.51 -0.25 11.12
C SER C 125 -15.15 0.90 10.20
N ASN C 126 -15.59 0.86 8.94
CA ASN C 126 -15.32 1.94 8.01
C ASN C 126 -15.90 3.27 8.50
N GLN C 127 -16.94 3.24 9.34
CA GLN C 127 -17.52 4.46 9.87
C GLN C 127 -16.58 5.20 10.81
N TYR C 128 -15.48 4.59 11.23
CA TYR C 128 -14.56 5.19 12.20
C TYR C 128 -13.16 5.42 11.62
N VAL C 129 -12.98 5.22 10.31
CA VAL C 129 -11.67 5.46 9.71
C VAL C 129 -11.26 6.90 9.89
N TYR C 130 -12.22 7.82 9.92
CA TYR C 130 -11.95 9.24 10.08
C TYR C 130 -12.44 9.77 11.42
N GLY C 131 -12.62 8.90 12.40
CA GLY C 131 -12.99 9.30 13.74
C GLY C 131 -14.45 8.97 14.06
N ILE C 132 -14.89 9.45 15.22
CA ILE C 132 -16.24 9.16 15.68
C ILE C 132 -17.25 9.71 14.67
N GLY C 133 -18.15 8.85 14.21
CA GLY C 133 -19.16 9.28 13.26
C GLY C 133 -18.59 9.80 11.97
N GLY C 134 -17.44 9.29 11.54
CA GLY C 134 -16.80 9.75 10.32
C GLY C 134 -16.03 11.03 10.46
N GLY C 135 -16.02 11.66 11.64
CA GLY C 135 -15.33 12.92 11.80
C GLY C 135 -15.86 13.96 10.82
N THR C 136 -14.93 14.72 10.25
CA THR C 136 -15.26 15.71 9.22
C THR C 136 -14.99 15.18 7.82
N GLY C 137 -14.67 13.90 7.69
CA GLY C 137 -14.40 13.31 6.39
C GLY C 137 -12.92 13.21 6.10
N CYS C 138 -12.63 12.85 4.84
CA CYS C 138 -11.25 12.72 4.41
C CYS C 138 -10.51 14.03 4.63
N PRO C 139 -9.21 13.97 4.96
CA PRO C 139 -8.47 15.23 5.18
C PRO C 139 -8.46 16.16 3.99
N VAL C 140 -8.56 15.62 2.77
CA VAL C 140 -8.37 16.44 1.58
C VAL C 140 -9.64 17.20 1.23
N HIS C 141 -10.78 16.52 1.21
CA HIS C 141 -12.03 17.11 0.75
C HIS C 141 -13.04 17.33 1.87
N LYS C 142 -12.72 16.96 3.11
CA LYS C 142 -13.68 17.08 4.22
C LYS C 142 -14.95 16.30 3.90
N ASP C 143 -14.81 15.16 3.23
CA ASP C 143 -15.92 14.41 2.67
C ASP C 143 -15.95 13.03 3.30
N ARG C 144 -16.98 12.76 4.10
CA ARG C 144 -17.13 11.46 4.74
C ARG C 144 -17.48 10.35 3.75
N SER C 145 -17.90 10.71 2.53
CA SER C 145 -18.23 9.73 1.50
C SER C 145 -17.29 9.84 0.31
N CYS C 146 -16.06 10.28 0.54
CA CYS C 146 -15.12 10.47 -0.54
C CYS C 146 -14.83 9.14 -1.23
N TYR C 147 -14.91 9.13 -2.55
CA TYR C 147 -14.60 7.95 -3.36
C TYR C 147 -13.20 8.01 -3.94
N ILE C 148 -12.42 9.04 -3.62
CA ILE C 148 -11.07 9.23 -4.15
C ILE C 148 -10.01 8.81 -3.15
N CYS C 149 -10.05 9.37 -1.95
CA CYS C 149 -8.98 9.18 -0.99
C CYS C 149 -8.88 7.71 -0.57
N HIS C 150 -7.64 7.26 -0.36
CA HIS C 150 -7.40 5.91 0.13
C HIS C 150 -7.71 5.83 1.61
N ARG C 151 -8.41 4.77 2.00
CA ARG C 151 -8.73 4.49 3.39
C ARG C 151 -7.98 3.24 3.84
N GLN C 152 -7.95 3.03 5.15
CA GLN C 152 -7.23 1.89 5.71
C GLN C 152 -8.02 1.29 6.86
N LEU C 153 -8.18 -0.03 6.82
CA LEU C 153 -8.79 -0.81 7.90
C LEU C 153 -7.82 -1.89 8.35
N LEU C 154 -8.03 -2.36 9.58
CA LEU C 154 -7.25 -3.46 10.13
C LEU C 154 -8.15 -4.68 10.29
N PHE C 155 -7.62 -5.84 9.92
CA PHE C 155 -8.30 -7.12 10.09
C PHE C 155 -7.51 -7.87 11.16
N CYS C 156 -8.03 -7.86 12.39
CA CYS C 156 -7.25 -8.19 13.58
C CYS C 156 -7.67 -9.52 14.17
N ARG C 157 -6.67 -10.26 14.64
CA ARG C 157 -6.90 -11.44 15.47
C ARG C 157 -7.22 -10.98 16.89
N VAL C 158 -8.38 -11.37 17.41
CA VAL C 158 -8.89 -10.87 18.67
C VAL C 158 -9.26 -12.03 19.58
N THR C 159 -8.88 -11.93 20.85
CA THR C 159 -9.24 -12.91 21.86
C THR C 159 -10.40 -12.37 22.68
N LEU C 160 -11.51 -13.12 22.71
CA LEU C 160 -12.71 -12.69 23.41
C LEU C 160 -12.91 -13.39 24.75
N GLY C 161 -12.33 -14.59 24.93
CA GLY C 161 -12.57 -15.35 26.13
C GLY C 161 -14.05 -15.44 26.43
N LYS C 162 -14.37 -15.54 27.71
CA LYS C 162 -15.77 -15.49 28.14
C LYS C 162 -16.30 -14.08 27.90
N SER C 163 -17.23 -13.95 26.95
CA SER C 163 -17.76 -12.66 26.55
C SER C 163 -19.10 -12.42 27.22
N PHE C 164 -19.34 -11.17 27.63
CA PHE C 164 -20.61 -10.77 28.21
C PHE C 164 -21.56 -10.37 27.09
N LEU C 165 -22.68 -11.07 26.98
CA LEU C 165 -23.64 -10.82 25.91
C LEU C 165 -24.49 -9.62 26.28
N GLN C 166 -24.46 -8.57 25.45
CA GLN C 166 -25.30 -7.40 25.59
C GLN C 166 -26.18 -7.27 24.36
N PHE C 167 -27.41 -6.82 24.55
CA PHE C 167 -28.37 -6.67 23.47
C PHE C 167 -28.69 -5.20 23.25
N SER C 168 -28.75 -4.80 21.98
CA SER C 168 -28.91 -3.40 21.60
C SER C 168 -30.21 -3.18 20.84
N MET D 1 -9.20 3.66 30.39
CA MET D 1 -9.79 2.44 29.87
C MET D 1 -10.45 1.64 30.98
N ALA D 2 -11.64 1.13 30.72
CA ALA D 2 -12.44 0.45 31.74
C ALA D 2 -11.98 -1.00 31.89
N HIS D 3 -12.66 -1.72 32.78
CA HIS D 3 -12.44 -3.13 33.00
C HIS D 3 -13.62 -3.93 32.48
N SER D 4 -13.37 -5.18 32.11
CA SER D 4 -14.44 -6.04 31.62
C SER D 4 -15.36 -6.45 32.77
N PRO D 5 -16.57 -6.91 32.46
CA PRO D 5 -17.47 -7.39 33.52
C PRO D 5 -16.79 -8.45 34.36
N PRO D 6 -17.19 -8.60 35.63
CA PRO D 6 -16.54 -9.59 36.49
C PRO D 6 -16.61 -10.99 35.89
N GLY D 7 -15.46 -11.68 35.89
CA GLY D 7 -15.39 -13.00 35.31
C GLY D 7 -15.61 -13.04 33.82
N HIS D 8 -15.36 -11.94 33.12
CA HIS D 8 -15.51 -11.85 31.69
C HIS D 8 -14.29 -11.20 31.07
N HIS D 9 -14.01 -11.57 29.82
CA HIS D 9 -12.84 -11.05 29.10
C HIS D 9 -13.18 -10.07 27.99
N SER D 10 -14.44 -9.98 27.59
CA SER D 10 -14.84 -9.10 26.51
C SER D 10 -16.35 -8.84 26.64
N VAL D 11 -16.88 -8.11 25.67
CA VAL D 11 -18.31 -7.83 25.59
C VAL D 11 -18.74 -8.01 24.14
N THR D 12 -19.85 -8.72 23.93
CA THR D 12 -20.44 -8.90 22.62
C THR D 12 -21.68 -8.02 22.52
N GLY D 13 -21.66 -7.08 21.58
CA GLY D 13 -22.81 -6.21 21.36
C GLY D 13 -23.69 -6.73 20.25
N ARG D 14 -24.64 -7.60 20.58
CA ARG D 14 -25.54 -8.15 19.58
C ARG D 14 -26.60 -7.14 19.22
N PRO D 15 -26.75 -6.77 17.94
CA PRO D 15 -27.86 -5.87 17.57
C PRO D 15 -29.19 -6.58 17.69
N SER D 16 -30.17 -5.86 18.26
CA SER D 16 -31.47 -6.44 18.54
C SER D 16 -32.60 -5.84 17.72
N VAL D 17 -32.38 -4.70 17.07
CA VAL D 17 -33.39 -4.09 16.21
C VAL D 17 -33.16 -4.42 14.75
N ASN D 18 -31.91 -4.47 14.32
CA ASN D 18 -31.55 -4.75 12.93
C ASN D 18 -31.14 -6.21 12.80
N GLY D 19 -31.87 -6.96 11.98
CA GLY D 19 -31.58 -8.37 11.81
C GLY D 19 -30.38 -8.63 10.92
N LEU D 20 -30.05 -7.71 10.03
CA LEU D 20 -28.91 -7.88 9.13
C LEU D 20 -27.60 -7.42 9.74
N ALA D 21 -27.63 -6.60 10.79
CA ALA D 21 -26.40 -6.17 11.43
C ALA D 21 -25.75 -7.32 12.17
N LEU D 22 -24.43 -7.41 12.06
CA LEU D 22 -23.66 -8.44 12.74
C LEU D 22 -23.09 -7.89 14.04
N ALA D 23 -22.49 -8.78 14.83
CA ALA D 23 -22.08 -8.44 16.18
C ALA D 23 -20.96 -7.41 16.18
N GLU D 24 -20.86 -6.71 17.30
CA GLU D 24 -19.72 -5.87 17.63
C GLU D 24 -19.11 -6.39 18.93
N TYR D 25 -17.82 -6.14 19.12
CA TYR D 25 -17.09 -6.69 20.25
C TYR D 25 -16.19 -5.63 20.86
N VAL D 26 -16.06 -5.67 22.19
CA VAL D 26 -15.24 -4.71 22.92
C VAL D 26 -14.29 -5.50 23.82
N ILE D 27 -13.00 -5.14 23.75
CA ILE D 27 -12.01 -5.66 24.68
C ILE D 27 -11.48 -4.49 25.51
N TYR D 28 -10.94 -4.82 26.67
CA TYR D 28 -10.41 -3.82 27.59
C TYR D 28 -8.93 -4.02 27.87
N ARG D 29 -8.33 -5.09 27.37
CA ARG D 29 -6.89 -5.31 27.42
C ARG D 29 -6.36 -5.14 26.00
N GLY D 30 -5.46 -4.18 25.80
CA GLY D 30 -4.87 -4.00 24.49
C GLY D 30 -4.15 -5.23 23.98
N GLU D 31 -3.71 -6.11 24.87
CA GLU D 31 -2.96 -7.29 24.48
C GLU D 31 -3.84 -8.40 23.91
N GLN D 32 -5.16 -8.26 23.95
CA GLN D 32 -6.06 -9.28 23.47
C GLN D 32 -6.41 -9.12 21.99
N ALA D 33 -5.69 -8.27 21.27
CA ALA D 33 -5.89 -8.11 19.83
C ALA D 33 -4.55 -7.85 19.16
N TYR D 34 -4.36 -8.46 18.00
CA TYR D 34 -3.14 -8.31 17.22
C TYR D 34 -3.55 -7.98 15.79
N PRO D 35 -3.11 -6.85 15.22
CA PRO D 35 -3.52 -6.53 13.83
C PRO D 35 -2.77 -7.37 12.82
N GLU D 36 -3.45 -8.36 12.24
CA GLU D 36 -2.78 -9.27 11.31
C GLU D 36 -2.61 -8.64 9.93
N TYR D 37 -3.61 -7.91 9.45
CA TYR D 37 -3.65 -7.42 8.07
C TYR D 37 -3.96 -5.94 8.03
N LEU D 38 -3.31 -5.24 7.11
CA LEU D 38 -3.58 -3.84 6.81
C LEU D 38 -4.17 -3.78 5.41
N ILE D 39 -5.34 -3.15 5.29
CA ILE D 39 -6.12 -3.15 4.05
C ILE D 39 -6.30 -1.72 3.58
N THR D 40 -5.75 -1.41 2.41
CA THR D 40 -5.92 -0.10 1.78
C THR D 40 -6.96 -0.22 0.67
N TYR D 41 -7.90 0.72 0.64
CA TYR D 41 -9.06 0.57 -0.22
C TYR D 41 -9.72 1.92 -0.44
N GLN D 42 -10.72 1.90 -1.33
CA GLN D 42 -11.62 3.02 -1.56
C GLN D 42 -13.04 2.47 -1.57
N ILE D 43 -13.98 3.23 -1.01
CA ILE D 43 -15.39 2.91 -1.22
C ILE D 43 -15.76 3.29 -2.66
N MET D 44 -16.65 2.50 -3.25
CA MET D 44 -17.03 2.68 -4.65
C MET D 44 -18.44 3.27 -4.73
N ARG D 45 -18.60 4.24 -5.61
CA ARG D 45 -19.91 4.85 -5.81
C ARG D 45 -20.86 3.83 -6.40
N PRO D 46 -22.05 3.65 -5.84
CA PRO D 46 -23.03 2.75 -6.47
C PRO D 46 -23.33 3.20 -7.88
N GLU D 47 -23.55 2.22 -8.76
CA GLU D 47 -23.84 2.51 -10.15
C GLU D 47 -25.14 3.29 -10.28
C17 A1H42 E . 5.13 -3.14 -11.75
C20 A1H42 E . 6.36 -3.95 -14.07
C21 A1H42 E . 4.72 -5.95 -14.44
C22 A1H42 E . 4.77 -5.69 -15.97
C24 A1H42 E . 3.26 -6.30 -14.07
C01 A1H42 E . 8.08 2.31 -9.21
C02 A1H42 E . 7.29 2.85 -8.19
C03 A1H42 E . 6.06 2.27 -7.89
C04 A1H42 E . 5.64 1.14 -8.59
C05 A1H42 E . 6.40 0.55 -9.64
C06 A1H42 E . 7.63 1.18 -9.91
C07 A1H42 E . 8.46 0.59 -10.98
C09 A1H42 E . 6.72 -1.14 -11.34
C12 A1H42 E . 6.25 -2.38 -12.15
C16 A1H42 E . 6.84 -2.82 -13.35
C18 A1H42 E . 4.66 -4.25 -12.47
C19 A1H42 E . 5.25 -4.72 -13.66
C23 A1H42 E . 5.58 -7.21 -14.13
N08 A1H42 E . 5.98 -0.60 -10.37
N10 A1H42 E . 7.97 -0.56 -11.67
N13 A1H42 E . 4.30 0.56 -8.21
O11 A1H42 E . 9.55 1.05 -11.30
O14 A1H42 E . 3.93 0.64 -7.09
O15 A1H42 E . 3.65 0.01 -9.08
H171 A1H42 E . 4.61 -2.85 -10.83
H201 A1H42 E . 6.89 -4.25 -15.00
H223 A1H42 E . 5.79 -5.68 -16.38
H221 A1H42 E . 4.34 -4.72 -16.26
H222 A1H42 E . 4.22 -6.44 -16.55
H242 A1H42 E . 2.57 -5.44 -14.13
H243 A1H42 E . 3.14 -6.68 -13.04
H241 A1H42 E . 2.80 -7.07 -14.71
H011 A1H42 E . 9.06 2.76 -9.46
H021 A1H42 E . 7.64 3.75 -7.65
H031 A1H42 E . 5.46 2.73 -7.08
H161 A1H42 E . 7.72 -2.28 -13.75
H181 A1H42 E . 3.77 -4.79 -12.09
H233 A1H42 E . 6.52 -6.98 -13.60
H231 A1H42 E . 5.89 -7.76 -15.02
H232 A1H42 E . 5.06 -7.95 -13.50
H101 A1H42 E . 8.58 -0.93 -12.41
S SO4 F . 7.26 1.32 1.10
O1 SO4 F . 7.73 0.90 -0.21
O2 SO4 F . 6.25 0.36 1.58
O3 SO4 F . 8.37 1.35 2.04
O4 SO4 F . 6.67 2.65 1.03
S SO4 G . 26.92 0.42 3.96
O1 SO4 G . 27.83 -0.71 4.19
O2 SO4 G . 26.06 0.12 2.83
O3 SO4 G . 26.11 0.62 5.16
O4 SO4 G . 27.70 1.62 3.69
ZN ZN H . 21.49 -14.29 -7.34
C17 A1H42 I . -13.93 4.29 17.94
C20 A1H42 I . -11.29 4.64 17.27
C21 A1H42 I . -11.07 6.88 18.60
C22 A1H42 I . -11.17 8.07 17.60
C24 A1H42 I . -9.59 6.53 18.79
C01 A1H42 I . -16.46 -1.33 15.30
C02 A1H42 I . -17.77 -1.49 15.72
C03 A1H42 I . -18.35 -0.54 16.58
C04 A1H42 I . -17.60 0.55 17.00
C05 A1H42 I . -16.25 0.77 16.59
C06 A1H42 I . -15.72 -0.21 15.74
C07 A1H42 I . -14.33 -0.03 15.30
C09 A1H42 I . -14.21 2.07 16.64
C12 A1H42 I . -13.37 3.30 17.11
C16 A1H42 I . -12.01 3.52 16.80
C18 A1H42 I . -13.22 5.41 18.41
C19 A1H42 I . -11.87 5.64 18.09
C23 A1H42 I . -11.61 7.38 19.97
N08 A1H42 I . -15.47 1.88 17.02
N10 A1H42 I . -13.60 1.12 15.77
N13 A1H42 I . -18.28 1.54 17.92
O11 A1H42 I . -13.76 -0.82 14.55
O14 A1H42 I . -19.35 1.96 17.62
O15 A1H42 I . -17.70 1.88 18.93
H171 A1H42 I . -15.00 4.18 18.24
H201 A1H42 I . -10.23 4.75 16.98
H223 A1H42 I . -11.35 9.04 18.09
H221 A1H42 I . -11.98 7.95 16.86
H222 A1H42 I . -10.25 8.21 17.00
H242 A1H42 I . -9.41 5.53 19.21
H243 A1H42 I . -9.01 6.55 17.86
H241 A1H42 I . -9.05 7.21 19.48
H011 A1H42 I . -15.99 -2.07 14.62
H021 A1H42 I . -18.36 -2.37 15.38
H031 A1H42 I . -19.40 -0.71 16.89
H161 A1H42 I . -11.48 2.78 16.16
H181 A1H42 I . -13.74 6.14 19.05
H233 A1H42 I . -11.84 6.57 20.67
H231 A1H42 I . -12.52 7.98 19.89
H232 A1H42 I . -10.89 8.02 20.50
H101 A1H42 I . -12.65 1.21 15.44
S SO4 J . -25.90 1.23 12.20
O1 SO4 J . -25.70 0.30 13.32
O2 SO4 J . -26.90 0.70 11.30
O3 SO4 J . -26.34 2.52 12.72
O4 SO4 J . -24.64 1.42 11.49
S SO4 K . -22.68 -1.18 -7.29
O1 SO4 K . -22.66 -2.12 -8.41
O2 SO4 K . -22.52 -1.93 -6.04
O3 SO4 K . -21.58 -0.22 -7.43
O4 SO4 K . -23.95 -0.46 -7.27
ZN ZN L . -11.13 12.83 -0.25
#